data_1ORB
#
_entry.id   1ORB
#
_cell.length_a   156.230
_cell.length_b   49.040
_cell.length_c   42.250
_cell.angle_alpha   90.00
_cell.angle_beta   98.60
_cell.angle_gamma   90.00
#
_symmetry.space_group_name_H-M   'C 1 2 1'
#
loop_
_entity.id
_entity.type
_entity.pdbx_description
1 polymer 'CARBOXYMETHYLATED RHODANESE'
2 non-polymer 'ACETATE ION'
3 water water
#
_entity_poly.entity_id   1
_entity_poly.type   'polypeptide(L)'
_entity_poly.pdbx_seq_one_letter_code
;VHQVLYRALVSTKWLAESVRAGKVGPGLRVLDASWYSPGTREARKEYLERHVPGASFFDIEECRDKASPYEVMLPSEAGF
ADYVGSLGISNDTHVVVYDGDDLGSFYAPRVWWMFRVFGHRTVSVLNGGFRNWLKEGHPVTSEPSRPEPAIFKATLNRSL
LKTYEQVLENLESKRFQLVDSRAQGRYLGTQPEPDAVGLDSGHIRGSVNMPFMNFLTEDGFEKSPEELRAMFEAKKVDLT
KPLIATCRKGVTACHIALAAYLCGKPDVAIYDGSWFEWFHRAPPETWVSQGKGGKA
;
_entity_poly.pdbx_strand_id   A
#
loop_
_chem_comp.id
_chem_comp.type
_chem_comp.name
_chem_comp.formula
ACT non-polymer 'ACETATE ION' 'C2 H3 O2 -1'
#
# COMPACT_ATOMS: atom_id res chain seq x y z
N VAL A 1 15.26 3.87 -16.85
CA VAL A 1 14.70 2.61 -16.39
C VAL A 1 13.40 2.76 -15.60
N HIS A 2 12.29 2.42 -16.24
CA HIS A 2 10.93 2.41 -15.71
C HIS A 2 10.76 0.98 -16.18
N GLN A 3 9.80 0.13 -15.87
CA GLN A 3 10.11 -1.13 -16.56
C GLN A 3 8.94 -1.99 -17.00
N VAL A 4 9.27 -3.11 -17.68
CA VAL A 4 8.20 -3.99 -18.09
C VAL A 4 7.91 -4.34 -16.65
N LEU A 5 9.01 -4.55 -15.96
CA LEU A 5 8.91 -4.81 -14.56
C LEU A 5 10.09 -4.10 -13.93
N TYR A 6 9.76 -2.98 -13.28
CA TYR A 6 10.69 -2.11 -12.57
C TYR A 6 11.06 -2.74 -11.25
N ARG A 7 12.14 -2.26 -10.62
CA ARG A 7 12.63 -2.81 -9.35
C ARG A 7 11.60 -2.54 -8.24
N ALA A 8 10.74 -3.49 -7.90
CA ALA A 8 9.75 -3.23 -6.87
C ALA A 8 10.29 -3.08 -5.46
N LEU A 9 11.34 -3.82 -5.16
CA LEU A 9 12.02 -3.86 -3.89
C LEU A 9 13.50 -3.53 -3.86
N VAL A 10 13.91 -2.53 -3.09
CA VAL A 10 15.33 -2.21 -2.99
C VAL A 10 15.79 -2.73 -1.64
N SER A 11 17.08 -2.87 -1.42
CA SER A 11 17.47 -3.39 -0.12
C SER A 11 18.07 -2.32 0.75
N THR A 12 18.26 -2.63 2.02
CA THR A 12 18.82 -1.67 2.93
C THR A 12 20.21 -1.28 2.49
N LYS A 13 21.00 -2.32 2.15
CA LYS A 13 22.35 -2.09 1.70
C LYS A 13 22.40 -1.05 0.59
N TRP A 14 21.54 -1.27 -0.43
CA TRP A 14 21.30 -0.48 -1.62
C TRP A 14 21.01 0.99 -1.32
N LEU A 15 20.07 1.18 -0.40
CA LEU A 15 19.65 2.51 0.03
C LEU A 15 20.79 3.21 0.75
N ALA A 16 21.42 2.45 1.64
CA ALA A 16 22.54 3.00 2.38
C ALA A 16 23.63 3.49 1.44
N GLU A 17 24.13 2.62 0.57
CA GLU A 17 25.14 3.23 -0.24
C GLU A 17 24.72 4.45 -1.02
N SER A 18 23.47 4.52 -1.47
CA SER A 18 23.06 5.68 -2.27
C SER A 18 23.13 7.01 -1.56
N VAL A 19 22.77 6.86 -0.30
CA VAL A 19 22.75 7.97 0.61
C VAL A 19 24.21 8.39 0.68
N ARG A 20 25.05 7.44 1.09
CA ARG A 20 26.46 7.73 1.20
C ARG A 20 27.02 8.33 -0.06
N ALA A 21 26.54 7.86 -1.18
CA ALA A 21 27.05 8.40 -2.41
C ALA A 21 26.51 9.77 -2.66
N GLY A 22 25.71 10.23 -1.74
CA GLY A 22 25.20 11.54 -2.08
C GLY A 22 24.20 11.37 -3.20
N LYS A 23 23.53 10.22 -3.24
CA LYS A 23 22.54 9.98 -4.29
C LYS A 23 21.18 10.67 -4.12
N VAL A 24 20.75 10.85 -2.87
CA VAL A 24 19.49 11.49 -2.54
C VAL A 24 19.41 12.91 -3.08
N GLY A 25 18.44 13.14 -3.95
CA GLY A 25 18.25 14.47 -4.51
C GLY A 25 17.15 14.25 -5.53
N PRO A 26 17.02 15.23 -6.41
CA PRO A 26 16.01 15.21 -7.45
C PRO A 26 15.75 13.91 -8.17
N GLY A 27 16.77 13.06 -8.29
CA GLY A 27 16.60 11.79 -8.99
C GLY A 27 16.18 10.67 -8.05
N LEU A 28 16.46 10.87 -6.77
CA LEU A 28 16.14 9.93 -5.73
C LEU A 28 15.75 10.61 -4.42
N ARG A 29 14.46 10.46 -4.10
CA ARG A 29 13.63 10.90 -2.99
C ARG A 29 13.13 9.70 -2.19
N VAL A 30 13.45 9.76 -0.89
CA VAL A 30 13.06 8.74 0.09
C VAL A 30 11.86 9.22 0.92
N LEU A 31 10.95 8.32 1.20
CA LEU A 31 9.80 8.71 1.96
C LEU A 31 9.37 7.75 3.05
N ASP A 32 8.99 8.39 4.15
CA ASP A 32 8.47 7.72 5.32
C ASP A 32 6.96 7.79 5.20
N ALA A 33 6.34 6.64 5.04
CA ALA A 33 4.92 6.84 4.97
C ALA A 33 4.25 6.05 6.12
N SER A 34 4.83 6.11 7.33
CA SER A 34 4.27 5.41 8.49
C SER A 34 2.95 5.99 8.98
N TRP A 35 2.07 5.13 9.45
CA TRP A 35 0.77 5.57 9.96
C TRP A 35 0.35 4.53 10.97
N TYR A 36 -0.21 4.93 12.13
CA TYR A 36 -0.64 4.01 13.18
C TYR A 36 -1.97 4.43 13.77
N SER A 37 -2.71 3.43 14.29
CA SER A 37 -4.02 3.61 14.91
C SER A 37 -3.86 4.65 15.96
N PRO A 38 -4.78 5.60 15.98
CA PRO A 38 -4.76 6.69 16.95
C PRO A 38 -4.59 6.14 18.35
N GLY A 39 -3.70 6.77 19.09
CA GLY A 39 -3.47 6.35 20.46
C GLY A 39 -2.46 5.24 20.68
N THR A 40 -1.73 4.80 19.64
CA THR A 40 -0.72 3.75 19.75
C THR A 40 0.66 4.33 19.46
N ARG A 41 0.98 4.52 18.19
CA ARG A 41 2.26 5.11 17.85
C ARG A 41 2.06 6.48 17.16
N GLU A 42 3.03 7.34 17.30
CA GLU A 42 3.02 8.68 16.70
C GLU A 42 4.02 8.75 15.54
N ALA A 43 3.50 8.46 14.33
CA ALA A 43 4.31 8.47 13.12
C ALA A 43 5.05 9.76 12.88
N ARG A 44 4.30 10.84 12.73
CA ARG A 44 5.09 12.01 12.48
C ARG A 44 6.15 12.36 13.53
N LYS A 45 5.85 12.11 14.79
CA LYS A 45 6.83 12.45 15.81
C LYS A 45 8.06 11.58 15.67
N GLU A 46 7.76 10.29 15.49
CA GLU A 46 8.71 9.26 15.31
C GLU A 46 9.66 9.58 14.15
N TYR A 47 9.05 10.17 13.10
CA TYR A 47 9.73 10.57 11.88
C TYR A 47 10.67 11.72 12.17
N LEU A 48 10.17 12.75 12.88
CA LEU A 48 10.97 13.92 13.21
C LEU A 48 12.21 13.61 14.02
N GLU A 49 12.08 12.54 14.81
CA GLU A 49 13.11 12.05 15.69
C GLU A 49 14.23 11.31 14.92
N ARG A 50 13.87 10.32 14.10
CA ARG A 50 14.80 9.56 13.29
C ARG A 50 14.22 9.12 11.95
N HIS A 51 14.93 9.55 10.94
CA HIS A 51 14.57 9.24 9.58
C HIS A 51 15.80 9.03 8.70
N VAL A 52 15.73 8.17 7.68
CA VAL A 52 16.88 7.98 6.81
C VAL A 52 17.34 9.36 6.29
N PRO A 53 18.62 9.62 6.32
CA PRO A 53 19.00 10.94 5.86
C PRO A 53 18.42 11.43 4.53
N GLY A 54 17.89 12.64 4.58
CA GLY A 54 17.28 13.28 3.43
C GLY A 54 15.86 12.81 3.21
N ALA A 55 15.36 11.86 4.00
CA ALA A 55 13.98 11.40 3.84
C ALA A 55 12.96 12.49 4.15
N SER A 56 11.75 12.42 3.59
CA SER A 56 10.61 13.34 3.78
C SER A 56 9.51 12.51 4.43
N PHE A 57 8.51 13.16 5.02
CA PHE A 57 7.43 12.40 5.64
C PHE A 57 6.25 12.36 4.67
N PHE A 58 5.72 11.19 4.35
CA PHE A 58 4.58 11.31 3.44
C PHE A 58 3.34 11.15 4.32
N ASP A 59 2.41 12.14 4.39
CA ASP A 59 1.19 12.11 5.22
C ASP A 59 -0.08 11.55 4.59
N ILE A 60 -0.46 10.36 4.80
CA ILE A 60 -1.58 9.66 4.24
C ILE A 60 -2.81 10.45 4.47
N GLU A 61 -2.83 11.07 5.64
CA GLU A 61 -3.94 11.87 6.09
C GLU A 61 -4.12 13.13 5.28
N GLU A 62 -3.01 13.58 4.70
CA GLU A 62 -3.10 14.78 3.92
C GLU A 62 -3.40 14.43 2.51
N CYS A 63 -2.73 13.37 2.05
CA CYS A 63 -2.90 12.91 0.69
C CYS A 63 -4.13 12.08 0.45
N ARG A 64 -5.32 12.70 0.46
CA ARG A 64 -6.51 11.89 0.22
C ARG A 64 -7.71 12.74 -0.11
N ASP A 65 -8.81 12.08 -0.45
CA ASP A 65 -10.02 12.87 -0.78
C ASP A 65 -10.68 13.19 0.56
N LYS A 66 -10.31 14.36 1.09
CA LYS A 66 -10.80 14.87 2.36
C LYS A 66 -12.31 15.00 2.32
N ALA A 67 -12.83 15.19 1.13
CA ALA A 67 -14.25 15.32 0.96
C ALA A 67 -15.03 13.99 0.90
N SER A 68 -14.36 12.87 0.93
CA SER A 68 -15.16 11.67 0.88
C SER A 68 -15.47 11.21 2.28
N PRO A 69 -16.61 10.55 2.40
CA PRO A 69 -17.04 10.02 3.66
C PRO A 69 -16.32 8.75 3.99
N TYR A 70 -15.57 8.17 3.05
CA TYR A 70 -14.88 6.93 3.35
C TYR A 70 -13.41 7.12 3.76
N GLU A 71 -12.78 6.06 4.29
CA GLU A 71 -11.38 6.18 4.73
C GLU A 71 -10.25 6.20 3.68
N VAL A 72 -9.31 7.15 3.83
CA VAL A 72 -8.14 7.31 2.94
C VAL A 72 -8.43 7.10 1.45
N MET A 73 -9.36 7.85 0.85
CA MET A 73 -9.70 7.72 -0.54
C MET A 73 -8.70 8.46 -1.37
N LEU A 74 -8.45 7.95 -2.56
CA LEU A 74 -7.51 8.56 -3.47
C LEU A 74 -7.87 9.98 -3.82
N PRO A 75 -6.84 10.80 -3.73
CA PRO A 75 -6.98 12.20 -4.06
C PRO A 75 -7.16 12.38 -5.55
N SER A 76 -7.24 13.60 -5.97
CA SER A 76 -7.40 13.64 -7.40
C SER A 76 -5.99 13.77 -7.96
N GLU A 77 -5.89 13.72 -9.28
CA GLU A 77 -4.59 13.84 -9.90
C GLU A 77 -3.88 15.15 -9.52
N ALA A 78 -4.62 16.26 -9.61
CA ALA A 78 -4.03 17.54 -9.27
C ALA A 78 -3.52 17.55 -7.86
N GLY A 79 -4.34 16.97 -7.02
CA GLY A 79 -4.01 16.90 -5.62
C GLY A 79 -2.73 16.15 -5.46
N PHE A 80 -2.75 14.94 -5.98
CA PHE A 80 -1.58 14.12 -5.88
C PHE A 80 -0.35 14.83 -6.35
N ALA A 81 -0.50 15.38 -7.54
CA ALA A 81 0.57 16.11 -8.16
C ALA A 81 1.19 17.21 -7.32
N ASP A 82 0.36 18.10 -6.83
CA ASP A 82 0.91 19.20 -6.06
C ASP A 82 1.65 18.72 -4.84
N TYR A 83 1.09 17.68 -4.24
CA TYR A 83 1.62 17.05 -3.04
C TYR A 83 3.03 16.54 -3.26
N VAL A 84 3.19 15.52 -4.13
CA VAL A 84 4.49 14.93 -4.45
C VAL A 84 5.46 15.96 -5.01
N GLY A 85 4.94 16.91 -5.77
CA GLY A 85 5.77 17.96 -6.30
C GLY A 85 6.44 18.73 -5.16
N SER A 86 5.66 19.13 -4.14
CA SER A 86 6.24 19.86 -3.03
C SER A 86 7.32 19.13 -2.28
N LEU A 87 7.30 17.80 -2.40
CA LEU A 87 8.25 16.91 -1.75
C LEU A 87 9.48 16.81 -2.65
N GLY A 88 9.56 17.64 -3.71
CA GLY A 88 10.66 17.64 -4.67
C GLY A 88 10.76 16.33 -5.50
N ILE A 89 9.65 15.86 -6.02
CA ILE A 89 9.66 14.64 -6.80
C ILE A 89 9.05 14.92 -8.17
N SER A 90 9.86 14.70 -9.20
CA SER A 90 9.47 14.89 -10.60
C SER A 90 9.21 13.54 -11.26
N ASN A 91 8.66 13.68 -12.46
CA ASN A 91 8.35 12.50 -13.22
C ASN A 91 9.58 11.66 -13.50
N ASP A 92 10.73 12.31 -13.33
CA ASP A 92 11.99 11.63 -13.53
C ASP A 92 12.56 11.00 -12.27
N THR A 93 12.05 11.27 -11.07
CA THR A 93 12.69 10.63 -9.92
C THR A 93 12.24 9.24 -9.55
N HIS A 94 13.21 8.55 -8.97
CA HIS A 94 13.00 7.19 -8.51
C HIS A 94 12.61 7.31 -7.06
N VAL A 95 11.36 6.95 -6.68
CA VAL A 95 10.84 7.03 -5.32
C VAL A 95 10.96 5.80 -4.46
N VAL A 96 11.65 5.92 -3.31
CA VAL A 96 11.83 4.83 -2.34
C VAL A 96 10.97 5.09 -1.11
N VAL A 97 10.09 4.14 -0.79
CA VAL A 97 9.16 4.26 0.33
C VAL A 97 9.33 3.26 1.39
N TYR A 98 9.12 3.78 2.61
CA TYR A 98 9.22 2.98 3.80
C TYR A 98 8.32 3.43 4.93
N ASP A 99 8.16 2.50 5.84
CA ASP A 99 7.37 2.72 7.01
C ASP A 99 8.12 2.10 8.18
N GLY A 100 7.67 2.44 9.40
CA GLY A 100 8.23 1.98 10.67
C GLY A 100 7.52 0.80 11.33
N ASP A 101 6.52 0.22 10.66
CA ASP A 101 5.79 -0.89 11.25
C ASP A 101 6.66 -1.99 11.83
N ASP A 102 6.19 -2.57 12.91
CA ASP A 102 7.00 -3.62 13.48
C ASP A 102 7.00 -4.87 12.64
N LEU A 103 5.99 -5.01 11.79
CA LEU A 103 5.92 -6.20 10.97
C LEU A 103 6.99 -6.07 9.86
N GLY A 104 7.42 -4.85 9.59
CA GLY A 104 8.39 -4.49 8.57
C GLY A 104 7.76 -3.71 7.42
N SER A 105 6.49 -3.99 7.15
CA SER A 105 5.86 -3.28 6.06
C SER A 105 4.36 -3.28 6.20
N PHE A 106 3.79 -2.07 6.26
CA PHE A 106 2.36 -1.91 6.41
C PHE A 106 1.71 -0.97 5.39
N TYR A 107 2.11 0.30 5.48
CA TYR A 107 1.69 1.43 4.67
C TYR A 107 2.55 1.65 3.42
N ALA A 108 3.81 1.23 3.41
CA ALA A 108 4.64 1.43 2.22
C ALA A 108 4.00 0.95 0.89
N PRO A 109 3.45 -0.26 0.86
CA PRO A 109 2.84 -0.73 -0.36
C PRO A 109 1.79 0.16 -0.96
N ARG A 110 1.05 0.78 -0.03
CA ARG A 110 -0.01 1.68 -0.37
C ARG A 110 0.51 2.84 -1.18
N VAL A 111 1.62 3.41 -0.68
CA VAL A 111 2.22 4.55 -1.34
C VAL A 111 2.79 4.07 -2.67
N TRP A 112 3.44 2.92 -2.67
CA TRP A 112 3.97 2.39 -3.91
C TRP A 112 2.83 2.36 -4.90
N TRP A 113 1.74 1.67 -4.52
CA TRP A 113 0.60 1.59 -5.40
C TRP A 113 0.09 2.95 -5.84
N MET A 114 0.06 3.94 -4.93
CA MET A 114 -0.40 5.29 -5.28
C MET A 114 0.45 5.91 -6.38
N PHE A 115 1.73 5.69 -6.34
CA PHE A 115 2.45 6.34 -7.42
C PHE A 115 2.06 5.78 -8.78
N ARG A 116 2.02 4.46 -8.88
CA ARG A 116 1.68 3.72 -10.07
C ARG A 116 0.32 4.05 -10.65
N VAL A 117 -0.63 4.19 -9.78
CA VAL A 117 -1.95 4.47 -10.27
C VAL A 117 -2.01 5.87 -10.85
N PHE A 118 -1.02 6.64 -10.46
CA PHE A 118 -1.05 7.98 -11.02
C PHE A 118 -0.18 8.22 -12.21
N GLY A 119 0.44 7.10 -12.60
CA GLY A 119 1.32 7.05 -13.74
C GLY A 119 2.83 6.99 -13.58
N HIS A 120 3.36 6.76 -12.41
CA HIS A 120 4.79 6.71 -12.20
C HIS A 120 5.25 5.29 -12.04
N ARG A 121 6.30 4.89 -12.70
CA ARG A 121 6.64 3.50 -12.54
C ARG A 121 7.88 3.26 -11.76
N THR A 122 8.74 4.27 -11.68
CA THR A 122 9.98 4.10 -10.95
C THR A 122 9.84 4.40 -9.48
N VAL A 123 9.14 3.52 -8.76
CA VAL A 123 8.93 3.67 -7.33
C VAL A 123 9.13 2.33 -6.67
N SER A 124 9.76 2.31 -5.50
CA SER A 124 9.98 1.04 -4.84
C SER A 124 9.94 1.15 -3.32
N VAL A 125 9.71 0.03 -2.66
CA VAL A 125 9.62 -0.18 -1.22
C VAL A 125 10.89 -0.75 -0.58
N LEU A 126 11.40 -0.16 0.49
CA LEU A 126 12.59 -0.64 1.17
C LEU A 126 12.30 -1.98 1.77
N ASN A 127 12.90 -3.09 1.31
CA ASN A 127 12.57 -4.38 1.91
C ASN A 127 13.06 -4.53 3.33
N GLY A 128 12.12 -4.82 4.24
CA GLY A 128 12.34 -5.02 5.68
C GLY A 128 12.28 -3.76 6.53
N GLY A 129 11.70 -2.71 5.94
CA GLY A 129 11.48 -1.39 6.46
C GLY A 129 12.48 -0.73 7.41
N PHE A 130 12.00 0.34 8.08
CA PHE A 130 12.83 1.08 9.01
C PHE A 130 13.29 0.10 10.07
N ARG A 131 12.44 -0.90 10.30
CA ARG A 131 12.78 -1.93 11.26
C ARG A 131 14.17 -2.40 10.94
N ASN A 132 14.29 -2.94 9.73
CA ASN A 132 15.56 -3.42 9.33
C ASN A 132 16.66 -2.36 9.25
N TRP A 133 16.33 -1.20 8.69
CA TRP A 133 17.36 -0.16 8.62
C TRP A 133 18.04 -0.01 9.98
N LEU A 134 17.20 0.19 11.01
CA LEU A 134 17.69 0.36 12.36
C LEU A 134 18.45 -0.86 12.84
N LYS A 135 17.81 -2.01 12.76
CA LYS A 135 18.48 -3.19 13.21
C LYS A 135 19.89 -3.38 12.65
N GLU A 136 20.14 -2.84 11.46
CA GLU A 136 21.44 -2.97 10.84
C GLU A 136 22.43 -1.87 11.13
N GLY A 137 21.97 -0.81 11.80
CA GLY A 137 22.93 0.24 12.09
C GLY A 137 23.12 1.31 11.01
N HIS A 138 22.20 1.40 10.06
CA HIS A 138 22.35 2.41 9.03
C HIS A 138 22.16 3.78 9.65
N PRO A 139 22.59 4.81 8.93
CA PRO A 139 22.49 6.16 9.43
C PRO A 139 21.07 6.70 9.56
N VAL A 140 20.77 7.32 10.72
CA VAL A 140 19.50 7.95 11.11
C VAL A 140 19.84 9.40 11.48
N THR A 141 18.84 10.29 11.40
CA THR A 141 18.98 11.71 11.67
C THR A 141 17.66 12.43 11.97
N SER A 142 17.80 13.60 12.55
CA SER A 142 16.63 14.37 12.89
C SER A 142 16.65 15.68 12.15
N GLU A 143 17.81 15.93 11.55
CA GLU A 143 17.96 17.16 10.79
C GLU A 143 16.78 17.26 9.84
N PRO A 144 16.38 18.46 9.59
CA PRO A 144 15.26 18.63 8.69
C PRO A 144 15.62 18.50 7.21
N SER A 145 14.76 17.80 6.47
CA SER A 145 14.92 17.63 5.04
C SER A 145 14.08 18.70 4.35
N ARG A 146 14.70 19.50 3.49
CA ARG A 146 13.93 20.53 2.81
C ARG A 146 14.09 20.54 1.29
N PRO A 147 13.55 19.53 0.62
CA PRO A 147 13.69 19.47 -0.83
C PRO A 147 13.20 20.69 -1.58
N GLU A 148 13.84 20.95 -2.72
CA GLU A 148 13.45 22.07 -3.57
C GLU A 148 12.20 21.59 -4.32
N PRO A 149 11.21 22.44 -4.47
CA PRO A 149 10.04 21.96 -5.16
C PRO A 149 10.25 21.54 -6.59
N ALA A 150 9.58 20.48 -7.01
CA ALA A 150 9.65 19.98 -8.38
C ALA A 150 8.22 19.99 -8.98
N ILE A 151 8.07 19.82 -10.31
CA ILE A 151 6.78 19.80 -10.98
C ILE A 151 6.59 18.31 -11.30
N PHE A 152 5.43 17.75 -11.01
CA PHE A 152 5.19 16.35 -11.30
C PHE A 152 3.86 16.42 -12.03
N LYS A 153 3.57 15.42 -12.80
CA LYS A 153 2.33 15.46 -13.55
C LYS A 153 1.74 14.10 -13.33
N ALA A 154 0.44 13.99 -13.16
CA ALA A 154 0.11 12.62 -12.93
C ALA A 154 -1.02 12.27 -13.81
N THR A 155 -1.15 10.97 -13.97
CA THR A 155 -2.22 10.60 -14.84
C THR A 155 -2.80 9.37 -14.27
N LEU A 156 -4.11 9.38 -14.17
CA LEU A 156 -4.77 8.24 -13.59
C LEU A 156 -4.72 7.07 -14.52
N ASN A 157 -4.41 5.93 -13.94
CA ASN A 157 -4.36 4.70 -14.68
C ASN A 157 -5.50 3.83 -14.13
N ARG A 158 -6.64 4.12 -14.72
CA ARG A 158 -7.89 3.48 -14.40
C ARG A 158 -7.88 1.99 -14.31
N SER A 159 -6.88 1.39 -14.93
CA SER A 159 -6.91 -0.05 -14.85
C SER A 159 -6.42 -0.61 -13.55
N LEU A 160 -5.68 0.18 -12.79
CA LEU A 160 -5.19 -0.37 -11.52
C LEU A 160 -6.10 -0.06 -10.32
N LEU A 161 -7.24 0.55 -10.58
CA LEU A 161 -8.28 0.97 -9.65
C LEU A 161 -9.69 0.47 -9.96
N LYS A 162 -10.40 0.09 -8.92
CA LYS A 162 -11.75 -0.38 -9.09
C LYS A 162 -12.69 0.38 -8.17
N THR A 163 -13.89 0.65 -8.67
CA THR A 163 -14.86 1.34 -7.86
C THR A 163 -15.99 0.39 -7.46
N TYR A 164 -16.86 0.96 -6.65
CA TYR A 164 -18.04 0.33 -6.08
C TYR A 164 -18.85 -0.43 -7.16
N GLU A 165 -19.28 0.35 -8.16
CA GLU A 165 -20.04 -0.14 -9.31
C GLU A 165 -19.30 -1.30 -9.96
N GLN A 166 -18.00 -1.09 -10.13
CA GLN A 166 -17.23 -2.14 -10.73
C GLN A 166 -17.16 -3.40 -9.86
N VAL A 167 -17.06 -3.26 -8.55
CA VAL A 167 -17.01 -4.51 -7.82
C VAL A 167 -18.38 -5.15 -7.73
N LEU A 168 -19.34 -4.28 -7.84
CA LEU A 168 -20.68 -4.85 -7.75
C LEU A 168 -20.93 -5.70 -8.99
N GLU A 169 -20.68 -5.12 -10.17
CA GLU A 169 -20.91 -5.90 -11.39
C GLU A 169 -20.17 -7.22 -11.36
N ASN A 170 -18.95 -7.14 -10.84
CA ASN A 170 -18.16 -8.34 -10.73
C ASN A 170 -18.85 -9.45 -9.95
N LEU A 171 -19.86 -9.03 -9.21
CA LEU A 171 -20.61 -9.96 -8.38
C LEU A 171 -21.29 -10.95 -9.29
N GLU A 172 -21.76 -10.38 -10.41
CA GLU A 172 -22.47 -11.12 -11.46
C GLU A 172 -21.54 -11.64 -12.54
N SER A 173 -20.65 -10.81 -13.02
CA SER A 173 -19.80 -11.36 -14.06
C SER A 173 -18.83 -12.42 -13.60
N LYS A 174 -18.35 -12.28 -12.37
CA LYS A 174 -17.39 -13.24 -11.83
C LYS A 174 -16.14 -13.19 -12.66
N ARG A 175 -15.92 -12.07 -13.30
CA ARG A 175 -14.73 -12.03 -14.10
C ARG A 175 -13.42 -11.82 -13.42
N PHE A 176 -13.41 -11.29 -12.24
CA PHE A 176 -12.10 -11.11 -11.66
C PHE A 176 -12.06 -11.84 -10.34
N GLN A 177 -10.89 -12.20 -9.86
CA GLN A 177 -10.79 -12.87 -8.59
C GLN A 177 -10.74 -11.79 -7.48
N LEU A 178 -11.56 -11.93 -6.40
CA LEU A 178 -11.60 -10.98 -5.29
C LEU A 178 -10.81 -11.51 -4.11
N VAL A 179 -9.73 -10.84 -3.77
CA VAL A 179 -8.98 -11.41 -2.67
C VAL A 179 -8.94 -10.37 -1.58
N ASP A 180 -9.27 -10.79 -0.34
CA ASP A 180 -9.30 -9.96 0.87
C ASP A 180 -8.05 -10.14 1.73
N SER A 181 -7.28 -9.05 1.98
CA SER A 181 -6.08 -9.17 2.81
C SER A 181 -6.26 -8.99 4.32
N ARG A 182 -7.48 -8.94 4.83
CA ARG A 182 -7.68 -8.76 6.27
C ARG A 182 -7.44 -9.99 7.11
N ALA A 183 -7.28 -9.72 8.41
CA ALA A 183 -7.07 -10.77 9.39
C ALA A 183 -8.24 -11.74 9.26
N GLN A 184 -7.95 -13.02 9.38
CA GLN A 184 -8.97 -14.02 9.22
C GLN A 184 -10.24 -13.74 10.01
N GLY A 185 -9.99 -13.40 11.25
CA GLY A 185 -11.11 -13.11 12.10
C GLY A 185 -11.97 -12.02 11.53
N ARG A 186 -11.41 -10.88 11.08
CA ARG A 186 -12.29 -9.86 10.53
C ARG A 186 -12.95 -10.33 9.28
N TYR A 187 -12.26 -11.19 8.54
CA TYR A 187 -12.83 -11.66 7.30
C TYR A 187 -14.01 -12.59 7.53
N LEU A 188 -13.80 -13.45 8.50
CA LEU A 188 -14.83 -14.39 8.83
C LEU A 188 -16.03 -13.82 9.59
N GLY A 189 -15.86 -12.65 10.23
CA GLY A 189 -16.88 -11.97 11.01
C GLY A 189 -16.75 -12.24 12.52
N THR A 190 -15.78 -13.04 12.88
CA THR A 190 -15.50 -13.44 14.24
C THR A 190 -14.97 -12.34 15.14
N GLN A 191 -14.27 -11.40 14.55
CA GLN A 191 -13.71 -10.28 15.27
C GLN A 191 -14.28 -9.10 14.54
N PRO A 192 -14.32 -8.05 15.30
CA PRO A 192 -14.85 -6.81 14.85
C PRO A 192 -13.82 -5.91 14.21
N GLU A 193 -14.36 -5.04 13.40
CA GLU A 193 -13.56 -4.09 12.71
C GLU A 193 -13.27 -3.03 13.72
N PRO A 194 -12.04 -2.63 13.84
CA PRO A 194 -11.83 -1.59 14.80
C PRO A 194 -12.05 -0.20 14.22
N ASP A 195 -11.89 0.76 15.13
CA ASP A 195 -11.99 2.16 14.83
C ASP A 195 -13.18 2.65 14.02
N ALA A 196 -14.31 1.99 14.19
CA ALA A 196 -15.57 2.34 13.56
C ALA A 196 -16.80 2.25 14.49
N VAL A 197 -17.82 3.02 14.16
CA VAL A 197 -19.04 3.04 14.91
C VAL A 197 -20.07 2.29 14.09
N GLY A 198 -20.60 1.22 14.62
CA GLY A 198 -21.61 0.47 13.89
C GLY A 198 -21.11 -0.30 12.70
N LEU A 199 -19.80 -0.39 12.53
CA LEU A 199 -19.34 -1.13 11.39
C LEU A 199 -19.21 -2.63 11.65
N ASP A 200 -20.03 -3.43 10.99
CA ASP A 200 -19.94 -4.87 11.17
C ASP A 200 -18.76 -5.49 10.40
N SER A 201 -18.35 -6.67 10.81
CA SER A 201 -17.27 -7.38 10.17
C SER A 201 -17.81 -8.47 9.21
N GLY A 202 -16.95 -9.05 8.38
CA GLY A 202 -17.33 -10.09 7.43
C GLY A 202 -16.69 -9.85 6.04
N HIS A 203 -17.22 -10.38 4.94
CA HIS A 203 -16.56 -10.14 3.67
C HIS A 203 -17.50 -10.15 2.48
N ILE A 204 -17.10 -9.55 1.35
CA ILE A 204 -17.96 -9.55 0.19
C ILE A 204 -18.22 -10.98 -0.27
N ARG A 205 -19.40 -11.28 -0.83
CA ARG A 205 -19.49 -12.68 -1.23
C ARG A 205 -18.51 -13.07 -2.33
N GLY A 206 -18.07 -14.32 -2.28
CA GLY A 206 -17.15 -14.88 -3.24
C GLY A 206 -15.78 -14.24 -3.26
N SER A 207 -15.32 -13.74 -2.13
CA SER A 207 -14.01 -13.13 -2.04
C SER A 207 -13.05 -14.20 -1.51
N VAL A 208 -11.73 -14.10 -1.57
CA VAL A 208 -10.97 -15.17 -0.94
C VAL A 208 -10.14 -14.46 0.13
N ASN A 209 -9.77 -15.11 1.24
CA ASN A 209 -9.01 -14.43 2.26
C ASN A 209 -7.52 -14.64 2.27
N MET A 210 -6.73 -13.58 2.09
CA MET A 210 -5.26 -13.73 2.09
C MET A 210 -4.61 -12.68 3.02
N PRO A 211 -4.53 -13.05 4.27
CA PRO A 211 -3.99 -12.19 5.29
C PRO A 211 -2.62 -11.60 5.05
N PHE A 212 -2.58 -10.29 4.84
CA PHE A 212 -1.32 -9.65 4.59
C PHE A 212 -0.05 -10.12 5.27
N MET A 213 -0.10 -10.24 6.57
CA MET A 213 1.09 -10.67 7.29
C MET A 213 1.66 -11.98 6.84
N ASN A 214 0.90 -12.72 6.04
CA ASN A 214 1.39 -14.01 5.54
C ASN A 214 2.45 -13.93 4.45
N PHE A 215 2.63 -12.73 3.85
CA PHE A 215 3.59 -12.44 2.81
C PHE A 215 4.89 -11.94 3.41
N LEU A 216 4.99 -11.85 4.72
CA LEU A 216 6.24 -11.36 5.30
C LEU A 216 6.89 -12.44 6.11
N THR A 217 8.17 -12.25 6.37
CA THR A 217 8.87 -13.26 7.13
C THR A 217 9.09 -12.74 8.52
N GLU A 218 9.30 -13.68 9.44
CA GLU A 218 9.53 -13.32 10.81
C GLU A 218 10.43 -12.11 10.93
N ASP A 219 11.48 -12.02 10.12
CA ASP A 219 12.36 -10.85 10.23
C ASP A 219 11.84 -9.58 9.62
N GLY A 220 10.69 -9.67 8.92
CA GLY A 220 10.02 -8.54 8.30
C GLY A 220 10.45 -8.14 6.92
N PHE A 221 10.74 -9.19 6.17
CA PHE A 221 11.21 -9.06 4.80
C PHE A 221 10.21 -9.77 3.95
N GLU A 222 10.10 -9.28 2.73
CA GLU A 222 9.15 -9.94 1.86
C GLU A 222 9.44 -11.43 1.59
N LYS A 223 8.44 -12.30 1.39
CA LYS A 223 8.79 -13.69 1.11
C LYS A 223 9.41 -13.78 -0.30
N SER A 224 9.97 -14.93 -0.72
CA SER A 224 10.56 -15.06 -2.05
C SER A 224 9.53 -15.55 -3.06
N PRO A 225 9.68 -15.10 -4.32
CA PRO A 225 8.76 -15.42 -5.40
C PRO A 225 8.19 -16.82 -5.46
N GLU A 226 9.07 -17.72 -5.16
CA GLU A 226 8.76 -19.12 -5.13
C GLU A 226 7.76 -19.33 -4.02
N GLU A 227 8.02 -18.66 -2.88
CA GLU A 227 7.18 -18.73 -1.69
C GLU A 227 5.80 -18.10 -1.98
N LEU A 228 5.80 -16.87 -2.55
CA LEU A 228 4.61 -16.15 -2.89
C LEU A 228 3.74 -16.95 -3.86
N ARG A 229 4.38 -17.44 -4.90
CA ARG A 229 3.73 -18.23 -5.93
C ARG A 229 2.98 -19.44 -5.36
N ALA A 230 3.64 -20.11 -4.44
CA ALA A 230 3.00 -21.27 -3.84
C ALA A 230 1.80 -20.86 -2.96
N MET A 231 1.91 -19.64 -2.44
CA MET A 231 0.84 -19.12 -1.59
C MET A 231 -0.40 -18.89 -2.41
N PHE A 232 -0.29 -18.04 -3.42
CA PHE A 232 -1.47 -17.82 -4.23
C PHE A 232 -2.07 -19.14 -4.69
N GLU A 233 -1.16 -20.06 -4.95
CA GLU A 233 -1.59 -21.36 -5.41
C GLU A 233 -2.36 -22.16 -4.38
N ALA A 234 -1.77 -22.27 -3.19
CA ALA A 234 -2.47 -23.04 -2.19
C ALA A 234 -3.88 -22.51 -1.95
N LYS A 235 -4.10 -21.24 -2.26
CA LYS A 235 -5.31 -20.43 -2.12
C LYS A 235 -6.20 -20.48 -3.34
N LYS A 236 -5.73 -21.22 -4.32
CA LYS A 236 -6.53 -21.28 -5.50
C LYS A 236 -6.79 -19.98 -6.25
N VAL A 237 -5.78 -19.09 -6.16
CA VAL A 237 -5.77 -17.78 -6.81
C VAL A 237 -4.91 -18.00 -8.02
N ASP A 238 -5.45 -17.78 -9.21
CA ASP A 238 -4.72 -17.96 -10.45
C ASP A 238 -4.11 -16.67 -10.98
N LEU A 239 -2.80 -16.54 -10.87
CA LEU A 239 -2.11 -15.32 -11.32
C LEU A 239 -2.35 -14.97 -12.77
N THR A 240 -2.87 -15.98 -13.44
CA THR A 240 -3.15 -15.87 -14.84
C THR A 240 -4.43 -15.14 -15.13
N LYS A 241 -5.36 -15.26 -14.21
CA LYS A 241 -6.63 -14.57 -14.39
C LYS A 241 -6.70 -13.21 -13.69
N PRO A 242 -7.71 -12.38 -14.03
CA PRO A 242 -7.84 -11.07 -13.42
C PRO A 242 -8.09 -11.11 -11.92
N LEU A 243 -7.51 -10.14 -11.22
CA LEU A 243 -7.59 -10.06 -9.78
C LEU A 243 -7.77 -8.66 -9.22
N ILE A 244 -8.69 -8.60 -8.23
CA ILE A 244 -9.03 -7.38 -7.50
C ILE A 244 -8.74 -7.63 -6.02
N ALA A 245 -7.94 -6.74 -5.44
CA ALA A 245 -7.62 -6.88 -4.01
C ALA A 245 -8.36 -5.80 -3.27
N THR A 246 -8.87 -6.22 -2.12
CA THR A 246 -9.59 -5.36 -1.20
C THR A 246 -9.10 -5.67 0.20
N CYS A 247 -9.60 -4.85 1.10
CA CYS A 247 -9.26 -4.97 2.51
C CYS A 247 -10.32 -4.23 3.30
N ARG A 248 -9.92 -3.32 4.20
CA ARG A 248 -10.82 -2.50 5.02
C ARG A 248 -10.88 -1.11 4.43
N LYS A 249 -9.70 -0.54 4.17
CA LYS A 249 -9.62 0.79 3.59
C LYS A 249 -8.58 0.87 2.45
N GLY A 250 -8.34 -0.23 1.74
CA GLY A 250 -7.43 -0.29 0.60
C GLY A 250 -5.98 0.00 0.86
N VAL A 251 -5.54 -0.42 2.07
CA VAL A 251 -4.17 -0.20 2.48
C VAL A 251 -3.37 -1.48 2.34
N THR A 252 -3.59 -2.45 3.21
CA THR A 252 -2.81 -3.63 3.02
C THR A 252 -3.27 -4.47 1.82
N ALA A 253 -4.19 -3.99 1.00
CA ALA A 253 -4.60 -4.79 -0.14
C ALA A 253 -3.44 -4.68 -1.15
N CYS A 254 -2.73 -3.57 -0.98
CA CYS A 254 -1.59 -3.25 -1.79
C CYS A 254 -0.54 -4.30 -1.55
N HIS A 255 -0.64 -5.03 -0.46
CA HIS A 255 0.38 -6.05 -0.31
C HIS A 255 0.05 -7.19 -1.24
N ILE A 256 -1.21 -7.36 -1.64
CA ILE A 256 -1.51 -8.45 -2.56
C ILE A 256 -0.88 -8.08 -3.91
N ALA A 257 -1.10 -6.84 -4.35
CA ALA A 257 -0.58 -6.34 -5.60
C ALA A 257 0.94 -6.43 -5.74
N LEU A 258 1.71 -6.09 -4.70
CA LEU A 258 3.16 -6.12 -4.76
C LEU A 258 3.58 -7.56 -4.78
N ALA A 259 2.85 -8.38 -4.09
CA ALA A 259 3.34 -9.73 -4.16
C ALA A 259 3.12 -10.29 -5.55
N ALA A 260 1.98 -10.01 -6.17
CA ALA A 260 1.71 -10.53 -7.52
C ALA A 260 2.74 -10.03 -8.55
N TYR A 261 3.06 -8.75 -8.49
CA TYR A 261 4.02 -8.07 -9.35
C TYR A 261 5.40 -8.71 -9.24
N LEU A 262 5.86 -9.05 -8.05
CA LEU A 262 7.17 -9.67 -7.99
C LEU A 262 7.03 -11.08 -8.56
N CYS A 263 5.79 -11.51 -8.77
CA CYS A 263 5.47 -12.82 -9.30
C CYS A 263 5.23 -12.75 -10.79
N GLY A 264 5.38 -11.56 -11.33
CA GLY A 264 5.16 -11.35 -12.74
C GLY A 264 3.82 -10.72 -13.12
N LYS A 265 2.85 -10.59 -12.22
CA LYS A 265 1.57 -9.99 -12.57
C LYS A 265 1.47 -8.55 -12.10
N PRO A 266 1.65 -7.58 -12.97
CA PRO A 266 1.59 -6.20 -12.55
C PRO A 266 0.21 -5.63 -12.74
N ASP A 267 -0.76 -6.46 -12.93
CA ASP A 267 -1.98 -5.71 -13.10
C ASP A 267 -3.09 -5.97 -12.10
N VAL A 268 -2.73 -6.21 -10.86
CA VAL A 268 -3.74 -6.46 -9.82
C VAL A 268 -4.35 -5.09 -9.55
N ALA A 269 -5.68 -5.02 -9.63
CA ALA A 269 -6.25 -3.69 -9.39
C ALA A 269 -6.64 -3.59 -7.91
N ILE A 270 -6.79 -2.38 -7.40
CA ILE A 270 -7.12 -2.26 -5.97
C ILE A 270 -8.49 -1.65 -5.79
N TYR A 271 -9.35 -2.29 -4.96
CA TYR A 271 -10.68 -1.74 -4.65
C TYR A 271 -10.40 -0.69 -3.55
N ASP A 272 -10.18 0.59 -3.88
CA ASP A 272 -9.88 1.60 -2.88
C ASP A 272 -10.90 1.75 -1.74
N GLY A 273 -12.20 1.76 -2.06
CA GLY A 273 -13.27 1.90 -1.10
C GLY A 273 -13.21 0.78 -0.07
N SER A 274 -12.87 -0.40 -0.54
CA SER A 274 -12.79 -1.51 0.39
C SER A 274 -14.05 -1.84 1.18
N TRP A 275 -13.91 -2.63 2.23
CA TRP A 275 -15.05 -3.02 3.06
C TRP A 275 -15.77 -1.85 3.73
N PHE A 276 -14.99 -0.82 4.08
CA PHE A 276 -15.57 0.33 4.73
C PHE A 276 -16.66 0.89 3.84
N GLU A 277 -16.37 1.30 2.61
CA GLU A 277 -17.41 1.82 1.74
C GLU A 277 -18.47 0.78 1.35
N TRP A 278 -18.02 -0.45 1.11
CA TRP A 278 -18.93 -1.52 0.73
C TRP A 278 -20.04 -1.65 1.76
N PHE A 279 -19.58 -1.88 2.99
CA PHE A 279 -20.51 -2.01 4.12
C PHE A 279 -21.54 -0.89 4.17
N HIS A 280 -21.14 0.33 3.85
CA HIS A 280 -22.06 1.45 3.87
C HIS A 280 -22.83 1.64 2.55
N ARG A 281 -22.43 1.01 1.43
CA ARG A 281 -23.16 1.21 0.18
C ARG A 281 -23.91 0.02 -0.40
N ALA A 282 -23.38 -1.16 -0.18
CA ALA A 282 -24.08 -2.27 -0.78
C ALA A 282 -25.19 -2.90 0.02
N PRO A 283 -26.03 -3.66 -0.67
CA PRO A 283 -27.12 -4.37 -0.02
C PRO A 283 -26.47 -5.40 0.86
N PRO A 284 -27.07 -5.63 2.01
CA PRO A 284 -26.51 -6.59 2.92
C PRO A 284 -26.45 -7.98 2.32
N GLU A 285 -27.34 -8.30 1.36
CA GLU A 285 -27.32 -9.62 0.78
C GLU A 285 -26.00 -9.95 0.09
N THR A 286 -25.21 -8.92 -0.25
CA THR A 286 -23.97 -9.10 -0.97
C THR A 286 -22.79 -9.47 -0.13
N TRP A 287 -23.06 -9.62 1.16
CA TRP A 287 -21.95 -9.96 2.02
C TRP A 287 -22.33 -11.01 3.03
N VAL A 288 -21.37 -11.50 3.80
CA VAL A 288 -21.68 -12.52 4.78
C VAL A 288 -20.84 -12.40 6.04
N SER A 289 -21.38 -12.84 7.17
CA SER A 289 -20.63 -12.77 8.41
C SER A 289 -20.83 -14.03 9.22
N GLN A 290 -19.87 -14.31 10.10
CA GLN A 290 -20.03 -15.49 10.90
C GLN A 290 -20.64 -14.98 12.19
N GLY A 291 -21.71 -14.21 12.00
CA GLY A 291 -22.50 -13.59 13.06
C GLY A 291 -23.87 -13.08 12.58
N LYS A 292 -24.19 -11.82 12.89
CA LYS A 292 -25.44 -11.17 12.52
C LYS A 292 -26.07 -11.71 11.23
N GLY A 293 -27.16 -12.47 11.36
CA GLY A 293 -27.88 -13.06 10.23
C GLY A 293 -29.12 -12.30 9.77
C ACT B . -6.70 -2.65 5.06
O ACT B . -5.50 -2.39 5.00
OXT ACT B . -7.46 -2.08 4.24
CH3 ACT B . -7.06 -4.06 5.54
#